data_2WSM
#
_entry.id   2WSM
#
_cell.length_a   72.494
_cell.length_b   82.325
_cell.length_c   68.657
_cell.angle_alpha   90.00
_cell.angle_beta   90.00
_cell.angle_gamma   90.00
#
_symmetry.space_group_name_H-M   'P 21 21 2'
#
loop_
_entity.id
_entity.type
_entity.pdbx_description
1 polymer 'HYDROGENASE EXPRESSION/FORMATION PROTEIN (HYPB)'
2 non-polymer 'CHLORIDE ION'
3 water water
#
_entity_poly.entity_id   1
_entity_poly.type   'polypeptide(L)'
_entity_poly.pdbx_seq_one_letter_code
;MHEYELNQDLLAENKRLAEKNREALRESGTVAVNIMGAIGSGKTLLIERTIERIGNEVKIGAMLGDVVSKADYERVRRFG
IKAEAISTGKECHLDAHMIYHRLKKFSDCDLLLIENVGNLICPVDFDLGENYRVVMVSVTEGDDVVEKHPEIFRVADLIV
INKVALAEAVGADVEKMKADAKLINPRAKIIEMDLKTGKGFEEWIDFLRGILNVHSDSGQN
;
_entity_poly.pdbx_strand_id   A,B
#
loop_
_chem_comp.id
_chem_comp.type
_chem_comp.name
_chem_comp.formula
CL non-polymer 'CHLORIDE ION' 'Cl -1'
#
# COMPACT_ATOMS: atom_id res chain seq x y z
N LEU A 11 -1.18 12.37 -5.64
CA LEU A 11 -0.80 11.54 -6.79
C LEU A 11 -0.56 12.37 -8.05
N ALA A 12 -1.17 13.57 -8.10
CA ALA A 12 -1.07 14.42 -9.27
C ALA A 12 0.37 14.88 -9.54
N GLU A 13 1.07 15.30 -8.48
CA GLU A 13 2.46 15.69 -8.62
C GLU A 13 3.33 14.47 -8.97
N ASN A 14 2.98 13.32 -8.41
CA ASN A 14 3.70 12.08 -8.73
C ASN A 14 3.59 11.75 -10.21
N LYS A 15 2.37 11.81 -10.75
CA LYS A 15 2.13 11.52 -12.15
C LYS A 15 2.97 12.41 -13.07
N ARG A 16 3.06 13.67 -12.68
CA ARG A 16 3.82 14.67 -13.41
C ARG A 16 5.31 14.30 -13.44
N LEU A 17 5.89 14.09 -12.26
CA LEU A 17 7.29 13.68 -12.19
C LEU A 17 7.51 12.30 -12.81
N ALA A 18 6.53 11.43 -12.69
CA ALA A 18 6.61 10.09 -13.28
C ALA A 18 6.82 10.16 -14.80
N GLU A 19 6.12 11.09 -15.45
CA GLU A 19 6.24 11.28 -16.88
C GLU A 19 7.63 11.80 -17.23
N LYS A 20 8.16 12.68 -16.39
CA LYS A 20 9.50 13.23 -16.61
C LYS A 20 10.57 12.15 -16.45
N ASN A 21 10.40 11.30 -15.44
CA ASN A 21 11.33 10.21 -15.22
C ASN A 21 11.33 9.27 -16.43
N ARG A 22 10.13 9.01 -16.94
CA ARG A 22 9.95 8.12 -18.09
C ARG A 22 10.59 8.70 -19.35
N GLU A 23 10.37 9.98 -19.61
CA GLU A 23 10.99 10.62 -20.77
C GLU A 23 12.51 10.63 -20.65
N ALA A 24 13.02 10.96 -19.47
CA ALA A 24 14.46 11.00 -19.25
C ALA A 24 15.05 9.61 -19.47
N LEU A 25 14.39 8.59 -18.94
CA LEU A 25 14.80 7.22 -19.17
C LEU A 25 14.78 6.85 -20.66
N ARG A 26 13.82 7.42 -21.39
CA ARG A 26 13.71 7.18 -22.81
C ARG A 26 14.84 7.87 -23.57
N GLU A 27 15.17 9.09 -23.15
CA GLU A 27 16.24 9.84 -23.80
C GLU A 27 17.59 9.11 -23.70
N SER A 28 17.82 8.41 -22.61
CA SER A 28 19.11 7.76 -22.41
C SER A 28 19.11 6.31 -22.88
N GLY A 29 17.93 5.74 -23.09
CA GLY A 29 17.82 4.35 -23.48
C GLY A 29 18.02 3.39 -22.30
N THR A 30 17.87 3.92 -21.10
CA THR A 30 17.97 3.13 -19.88
C THR A 30 16.65 2.42 -19.61
N VAL A 31 16.69 1.12 -19.36
CA VAL A 31 15.47 0.40 -18.99
C VAL A 31 15.43 0.26 -17.47
N ALA A 32 14.34 0.72 -16.86
CA ALA A 32 14.22 0.71 -15.41
C ALA A 32 13.18 -0.30 -14.92
N VAL A 33 13.56 -1.05 -13.89
CA VAL A 33 12.70 -2.07 -13.30
C VAL A 33 12.41 -1.72 -11.84
N ASN A 34 11.13 -1.57 -11.54
CA ASN A 34 10.66 -1.34 -10.20
C ASN A 34 10.46 -2.69 -9.52
N ILE A 35 11.35 -3.02 -8.58
CA ILE A 35 11.28 -4.35 -7.95
C ILE A 35 10.67 -4.28 -6.58
N MET A 36 9.46 -4.83 -6.49
CA MET A 36 8.67 -4.72 -5.28
C MET A 36 8.63 -6.04 -4.52
N GLY A 37 8.32 -5.97 -3.24
CA GLY A 37 8.22 -7.17 -2.42
C GLY A 37 8.54 -6.88 -0.96
N ALA A 38 8.05 -7.75 -0.09
CA ALA A 38 8.25 -7.57 1.33
C ALA A 38 9.72 -7.70 1.66
N ILE A 39 10.10 -7.17 2.81
CA ILE A 39 11.45 -7.36 3.29
C ILE A 39 11.61 -8.88 3.46
N GLY A 40 12.76 -9.41 3.08
CA GLY A 40 12.98 -10.85 3.15
C GLY A 40 12.50 -11.59 1.91
N SER A 41 11.97 -10.87 0.93
CA SER A 41 11.51 -11.52 -0.30
C SER A 41 12.71 -11.81 -1.19
N GLY A 42 13.86 -11.22 -0.84
CA GLY A 42 15.11 -11.50 -1.51
C GLY A 42 15.46 -10.57 -2.67
N LYS A 43 15.01 -9.32 -2.59
CA LYS A 43 15.22 -8.36 -3.66
C LYS A 43 16.69 -8.02 -3.84
N THR A 44 17.39 -7.82 -2.73
CA THR A 44 18.79 -7.43 -2.77
C THR A 44 19.68 -8.50 -3.37
N LEU A 45 19.49 -9.75 -2.93
CA LEU A 45 20.29 -10.86 -3.43
C LEU A 45 20.07 -11.06 -4.93
N LEU A 46 18.81 -11.00 -5.35
CA LEU A 46 18.51 -11.12 -6.77
C LEU A 46 19.23 -10.06 -7.58
N ILE A 47 19.30 -8.85 -7.04
CA ILE A 47 19.97 -7.74 -7.73
C ILE A 47 21.49 -7.99 -7.82
N GLU A 48 22.09 -8.42 -6.72
CA GLU A 48 23.51 -8.75 -6.73
C GLU A 48 23.80 -9.87 -7.72
N ARG A 49 23.10 -10.99 -7.56
CA ARG A 49 23.28 -12.14 -8.45
C ARG A 49 23.16 -11.72 -9.91
N THR A 50 22.23 -10.83 -10.20
CA THR A 50 22.06 -10.32 -11.55
C THR A 50 23.31 -9.57 -12.01
N ILE A 51 23.79 -8.68 -11.16
CA ILE A 51 24.98 -7.90 -11.44
C ILE A 51 26.16 -8.83 -11.71
N GLU A 52 26.24 -9.91 -10.93
CA GLU A 52 27.34 -10.86 -11.05
C GLU A 52 27.30 -11.63 -12.38
N ARG A 53 26.09 -11.93 -12.84
CA ARG A 53 25.93 -12.76 -14.02
C ARG A 53 26.10 -12.01 -15.34
N ILE A 54 25.52 -10.82 -15.44
CA ILE A 54 25.55 -10.08 -16.70
C ILE A 54 26.15 -8.68 -16.60
N GLY A 55 26.77 -8.36 -15.46
CA GLY A 55 27.34 -7.05 -15.24
C GLY A 55 28.47 -6.68 -16.20
N ASN A 56 29.13 -7.70 -16.74
CA ASN A 56 30.21 -7.47 -17.71
C ASN A 56 29.70 -7.19 -19.12
N GLU A 57 28.53 -7.73 -19.46
CA GLU A 57 27.95 -7.50 -20.77
C GLU A 57 27.01 -6.29 -20.76
N VAL A 58 26.51 -5.95 -19.58
CA VAL A 58 25.48 -4.93 -19.45
C VAL A 58 25.78 -3.95 -18.32
N LYS A 59 25.68 -2.65 -18.60
CA LYS A 59 25.93 -1.63 -17.59
C LYS A 59 24.71 -1.44 -16.68
N ILE A 60 24.87 -1.78 -15.41
CA ILE A 60 23.75 -1.80 -14.47
C ILE A 60 23.89 -0.77 -13.36
N GLY A 61 22.78 -0.06 -13.09
CA GLY A 61 22.69 0.80 -11.93
C GLY A 61 21.74 0.20 -10.92
N ALA A 62 21.93 0.54 -9.65
CA ALA A 62 21.06 0.04 -8.59
C ALA A 62 20.64 1.15 -7.64
N MET A 63 19.34 1.28 -7.44
CA MET A 63 18.79 2.20 -6.46
C MET A 63 18.10 1.37 -5.37
N LEU A 64 18.67 1.40 -4.16
CA LEU A 64 18.19 0.54 -3.09
C LEU A 64 17.30 1.30 -2.11
N GLY A 65 16.00 1.02 -2.19
CA GLY A 65 15.01 1.66 -1.35
C GLY A 65 14.65 0.91 -0.08
N ASP A 66 15.19 -0.29 0.10
CA ASP A 66 15.16 -0.93 1.42
C ASP A 66 16.48 -0.64 2.09
N VAL A 67 16.49 -0.55 3.42
CA VAL A 67 17.75 -0.37 4.12
C VAL A 67 18.62 -1.59 3.85
N VAL A 68 19.83 -1.34 3.39
CA VAL A 68 20.75 -2.43 3.08
C VAL A 68 21.97 -2.36 3.99
N SER A 69 22.38 -3.54 4.47
CA SER A 69 23.53 -3.65 5.36
C SER A 69 24.80 -3.18 4.67
N LYS A 70 25.86 -2.96 5.45
CA LYS A 70 27.12 -2.49 4.91
C LYS A 70 27.75 -3.52 4.00
N ALA A 71 27.65 -4.78 4.40
CA ALA A 71 28.21 -5.88 3.62
C ALA A 71 27.58 -5.96 2.24
N ASP A 72 26.27 -5.76 2.19
CA ASP A 72 25.55 -5.80 0.92
C ASP A 72 25.85 -4.60 0.05
N TYR A 73 26.10 -3.45 0.67
CA TYR A 73 26.50 -2.27 -0.11
C TYR A 73 27.89 -2.46 -0.71
N GLU A 74 28.79 -3.03 0.06
CA GLU A 74 30.11 -3.37 -0.45
C GLU A 74 29.96 -4.35 -1.60
N ARG A 75 29.10 -5.35 -1.41
CA ARG A 75 28.98 -6.40 -2.40
C ARG A 75 28.52 -5.86 -3.76
N VAL A 76 27.54 -4.95 -3.75
CA VAL A 76 27.03 -4.40 -5.00
C VAL A 76 28.02 -3.40 -5.62
N ARG A 77 28.64 -2.59 -4.76
CA ARG A 77 29.57 -1.57 -5.24
C ARG A 77 30.89 -2.18 -5.71
N ARG A 78 31.17 -3.39 -5.23
CA ARG A 78 32.42 -4.06 -5.52
C ARG A 78 32.65 -4.26 -7.01
N PHE A 79 31.56 -4.36 -7.77
CA PHE A 79 31.66 -4.58 -9.21
C PHE A 79 31.74 -3.28 -9.98
N GLY A 80 32.10 -2.21 -9.28
CA GLY A 80 32.26 -0.91 -9.90
C GLY A 80 30.92 -0.36 -10.34
N ILE A 81 29.87 -1.11 -10.04
CA ILE A 81 28.50 -0.69 -10.33
C ILE A 81 28.13 0.57 -9.56
N LYS A 82 27.48 1.51 -10.24
CA LYS A 82 26.92 2.66 -9.55
C LYS A 82 25.75 2.20 -8.68
N ALA A 83 25.76 2.60 -7.42
CA ALA A 83 24.71 2.19 -6.48
C ALA A 83 24.51 3.26 -5.42
N GLU A 84 23.31 3.28 -4.84
CA GLU A 84 23.04 4.22 -3.77
C GLU A 84 21.75 3.93 -3.02
N ALA A 85 21.77 4.20 -1.72
CA ALA A 85 20.59 4.13 -0.90
C ALA A 85 19.67 5.25 -1.29
N ILE A 86 18.39 4.96 -1.41
CA ILE A 86 17.38 5.99 -1.57
C ILE A 86 16.88 6.35 -0.19
N SER A 87 16.86 7.64 0.12
CA SER A 87 16.27 8.10 1.39
C SER A 87 14.77 8.19 1.22
N THR A 88 14.04 7.36 1.96
CA THR A 88 12.58 7.30 1.84
C THR A 88 11.86 8.02 2.99
N GLY A 89 12.61 8.41 4.01
CA GLY A 89 12.05 9.14 5.13
C GLY A 89 10.90 8.43 5.82
N LYS A 90 9.72 9.03 5.72
CA LYS A 90 8.56 8.54 6.45
C LYS A 90 7.58 7.76 5.57
N GLU A 91 7.94 7.59 4.30
CA GLU A 91 7.02 6.96 3.35
C GLU A 91 7.15 5.43 3.29
N CYS A 92 6.03 4.74 3.10
CA CYS A 92 6.02 3.29 3.02
C CYS A 92 6.15 2.82 1.56
N HIS A 93 6.77 3.65 0.72
CA HIS A 93 6.88 3.36 -0.71
C HIS A 93 7.77 4.40 -1.37
N LEU A 94 8.37 4.06 -2.50
CA LEU A 94 9.06 5.06 -3.31
C LEU A 94 8.03 5.87 -4.10
N ASP A 95 8.42 7.06 -4.55
CA ASP A 95 7.60 7.84 -5.46
C ASP A 95 8.51 8.48 -6.50
N ALA A 96 7.91 9.02 -7.55
CA ALA A 96 8.68 9.59 -8.65
C ALA A 96 9.65 10.68 -8.17
N HIS A 97 9.25 11.44 -7.15
CA HIS A 97 10.10 12.50 -6.62
C HIS A 97 11.41 11.99 -6.02
N MET A 98 11.36 10.83 -5.37
CA MET A 98 12.55 10.28 -4.72
C MET A 98 13.68 9.95 -5.69
N ILE A 99 13.35 9.70 -6.96
CA ILE A 99 14.38 9.36 -7.91
C ILE A 99 14.58 10.42 -8.97
N TYR A 100 13.70 11.41 -8.97
CA TYR A 100 13.65 12.42 -10.02
C TYR A 100 15.00 13.09 -10.24
N HIS A 101 15.69 13.43 -9.15
CA HIS A 101 17.02 14.04 -9.24
C HIS A 101 18.15 13.02 -9.24
N ARG A 102 17.82 11.74 -9.13
CA ARG A 102 18.84 10.71 -9.02
C ARG A 102 19.13 10.05 -10.37
N LEU A 103 18.14 10.08 -11.25
CA LEU A 103 18.22 9.40 -12.53
C LEU A 103 19.42 9.82 -13.39
N LYS A 104 19.81 11.09 -13.32
CA LYS A 104 20.90 11.59 -14.15
C LYS A 104 22.22 10.84 -13.90
N LYS A 105 22.52 10.58 -12.63
CA LYS A 105 23.71 9.83 -12.26
C LYS A 105 23.69 8.44 -12.89
N PHE A 106 22.51 7.96 -13.24
CA PHE A 106 22.37 6.63 -13.83
C PHE A 106 22.07 6.65 -15.34
N SER A 107 22.18 7.82 -15.96
CA SER A 107 21.87 7.97 -17.38
C SER A 107 22.75 7.08 -18.28
N ASP A 108 23.90 6.65 -17.76
CA ASP A 108 24.81 5.81 -18.53
C ASP A 108 24.59 4.30 -18.36
N CYS A 109 23.59 3.91 -17.57
CA CYS A 109 23.30 2.48 -17.40
C CYS A 109 22.30 2.00 -18.44
N ASP A 110 22.48 0.77 -18.92
CA ASP A 110 21.51 0.14 -19.81
C ASP A 110 20.30 -0.28 -18.99
N LEU A 111 20.57 -0.73 -17.76
CA LEU A 111 19.54 -1.30 -16.93
C LEU A 111 19.63 -0.71 -15.52
N LEU A 112 18.54 -0.13 -15.06
CA LEU A 112 18.45 0.43 -13.72
C LEU A 112 17.51 -0.38 -12.84
N LEU A 113 18.08 -1.09 -11.88
CA LEU A 113 17.30 -1.91 -10.96
C LEU A 113 16.88 -1.12 -9.72
N ILE A 114 15.57 -0.92 -9.58
CA ILE A 114 15.03 -0.11 -8.50
C ILE A 114 14.33 -0.97 -7.45
N GLU A 115 14.96 -1.08 -6.29
CA GLU A 115 14.41 -1.84 -5.19
C GLU A 115 13.47 -0.99 -4.34
N ASN A 116 12.19 -1.31 -4.39
CA ASN A 116 11.20 -0.59 -3.62
C ASN A 116 11.28 -0.95 -2.14
N VAL A 117 10.56 -0.19 -1.31
CA VAL A 117 10.42 -0.43 0.12
C VAL A 117 9.85 -1.83 0.40
N GLY A 118 10.21 -2.39 1.55
CA GLY A 118 9.73 -3.70 1.96
C GLY A 118 8.26 -3.64 2.40
N ASN A 119 7.35 -3.71 1.44
CA ASN A 119 5.94 -3.48 1.70
C ASN A 119 5.08 -3.94 0.52
N LEU A 120 3.96 -4.59 0.81
CA LEU A 120 3.11 -5.17 -0.25
C LEU A 120 1.84 -4.38 -0.53
N ILE A 121 1.75 -3.17 0.02
CA ILE A 121 0.53 -2.39 -0.09
C ILE A 121 0.77 -1.01 -0.73
N CYS A 122 1.51 -0.16 -0.04
CA CYS A 122 1.69 1.24 -0.42
C CYS A 122 2.17 1.50 -1.86
N PRO A 123 3.12 0.67 -2.37
CA PRO A 123 3.68 0.93 -3.70
C PRO A 123 2.70 0.82 -4.87
N VAL A 124 1.53 0.24 -4.63
CA VAL A 124 0.55 0.02 -5.70
C VAL A 124 0.32 1.26 -6.56
N ASP A 125 -0.01 2.38 -5.92
CA ASP A 125 -0.45 3.58 -6.62
C ASP A 125 0.63 4.54 -7.09
N PHE A 126 1.90 4.18 -6.90
CA PHE A 126 2.98 5.09 -7.26
C PHE A 126 3.81 4.69 -8.48
N ASP A 127 3.49 5.34 -9.59
CA ASP A 127 4.28 5.21 -10.81
C ASP A 127 5.63 5.90 -10.60
N LEU A 128 6.72 5.17 -10.78
CA LEU A 128 8.05 5.75 -10.64
C LEU A 128 8.54 6.30 -11.97
N GLY A 129 7.89 5.86 -13.05
CA GLY A 129 8.32 6.20 -14.40
C GLY A 129 9.04 5.01 -15.02
N GLU A 130 8.89 3.87 -14.37
CA GLU A 130 9.60 2.64 -14.76
C GLU A 130 9.04 1.97 -16.02
N ASN A 131 9.89 1.17 -16.65
CA ASN A 131 9.50 0.34 -17.80
C ASN A 131 8.75 -0.94 -17.40
N TYR A 132 9.19 -1.59 -16.32
CA TYR A 132 8.59 -2.85 -15.88
C TYR A 132 8.47 -2.95 -14.36
N ARG A 133 7.46 -3.69 -13.92
CA ARG A 133 7.24 -3.92 -12.51
C ARG A 133 7.45 -5.40 -12.20
N VAL A 134 8.29 -5.67 -11.21
CA VAL A 134 8.45 -7.02 -10.73
C VAL A 134 7.97 -7.08 -9.27
N VAL A 135 7.25 -8.12 -8.94
CA VAL A 135 6.80 -8.33 -7.57
C VAL A 135 7.33 -9.67 -7.10
N MET A 136 8.14 -9.63 -6.05
CA MET A 136 8.79 -10.81 -5.52
C MET A 136 8.12 -11.25 -4.22
N VAL A 137 7.88 -12.55 -4.09
CA VAL A 137 7.42 -13.09 -2.82
C VAL A 137 8.16 -14.39 -2.50
N SER A 138 8.52 -14.54 -1.24
CA SER A 138 9.18 -15.76 -0.78
C SER A 138 8.14 -16.72 -0.20
N VAL A 139 8.38 -18.03 -0.34
CA VAL A 139 7.44 -19.03 0.18
C VAL A 139 7.36 -18.99 1.69
N THR A 140 8.36 -18.42 2.34
CA THR A 140 8.39 -18.31 3.79
C THR A 140 7.39 -17.29 4.31
N GLU A 141 6.77 -16.56 3.38
CA GLU A 141 5.79 -15.54 3.76
C GLU A 141 4.39 -16.13 3.93
N GLY A 142 4.23 -17.40 3.56
CA GLY A 142 2.92 -18.03 3.58
C GLY A 142 2.34 -18.09 2.18
N ASP A 143 1.71 -19.22 1.84
CA ASP A 143 1.19 -19.43 0.50
C ASP A 143 -0.16 -18.75 0.22
N ASP A 144 -0.65 -17.97 1.19
CA ASP A 144 -1.84 -17.16 0.99
C ASP A 144 -1.49 -15.68 0.80
N VAL A 145 -0.20 -15.37 0.74
CA VAL A 145 0.26 -13.99 0.58
C VAL A 145 -0.14 -13.38 -0.77
N VAL A 146 -0.19 -14.19 -1.82
CA VAL A 146 -0.64 -13.67 -3.10
C VAL A 146 -2.12 -13.28 -3.03
N GLU A 147 -2.95 -14.19 -2.52
CA GLU A 147 -4.37 -13.93 -2.50
C GLU A 147 -4.75 -12.82 -1.52
N LYS A 148 -3.94 -12.60 -0.49
CA LYS A 148 -4.14 -11.50 0.43
C LYS A 148 -3.80 -10.14 -0.17
N HIS A 149 -3.01 -10.11 -1.24
CA HIS A 149 -2.52 -8.84 -1.81
C HIS A 149 -2.75 -8.70 -3.30
N PRO A 150 -4.02 -8.68 -3.70
CA PRO A 150 -4.38 -8.60 -5.12
C PRO A 150 -3.89 -7.31 -5.77
N GLU A 151 -3.95 -6.20 -5.05
CA GLU A 151 -3.65 -4.89 -5.64
C GLU A 151 -2.23 -4.84 -6.20
N ILE A 152 -1.26 -5.26 -5.40
CA ILE A 152 0.13 -5.19 -5.83
C ILE A 152 0.44 -6.24 -6.88
N PHE A 153 -0.14 -7.43 -6.75
CA PHE A 153 0.17 -8.50 -7.72
C PHE A 153 -0.44 -8.22 -9.08
N ARG A 154 -1.47 -7.39 -9.10
CA ARG A 154 -2.09 -6.98 -10.36
C ARG A 154 -1.20 -6.08 -11.21
N VAL A 155 -0.29 -5.32 -10.59
CA VAL A 155 0.47 -4.32 -11.33
C VAL A 155 1.74 -4.90 -11.93
N ALA A 156 2.04 -6.15 -11.55
CA ALA A 156 3.27 -6.80 -11.97
C ALA A 156 3.29 -7.22 -13.45
N ASP A 157 4.45 -7.07 -14.08
CA ASP A 157 4.69 -7.63 -15.40
C ASP A 157 5.30 -9.01 -15.23
N LEU A 158 5.97 -9.20 -14.10
CA LEU A 158 6.62 -10.46 -13.79
C LEU A 158 6.50 -10.66 -12.27
N ILE A 159 6.11 -11.86 -11.89
CA ILE A 159 5.95 -12.20 -10.48
C ILE A 159 6.94 -13.30 -10.14
N VAL A 160 7.74 -13.08 -9.11
CA VAL A 160 8.74 -14.06 -8.71
C VAL A 160 8.34 -14.74 -7.41
N ILE A 161 8.13 -16.05 -7.48
CA ILE A 161 7.93 -16.86 -6.29
C ILE A 161 9.28 -17.45 -5.91
N ASN A 162 9.73 -17.14 -4.70
CA ASN A 162 11.13 -17.20 -4.32
C ASN A 162 11.42 -18.20 -3.21
N LYS A 163 12.67 -18.63 -3.16
CA LYS A 163 13.12 -19.58 -2.15
C LYS A 163 12.25 -20.84 -2.14
N VAL A 164 11.87 -21.30 -3.33
CA VAL A 164 10.96 -22.45 -3.43
C VAL A 164 11.52 -23.75 -2.83
N ALA A 165 12.84 -23.92 -2.85
CA ALA A 165 13.45 -25.12 -2.28
C ALA A 165 13.23 -25.22 -0.76
N LEU A 166 12.67 -24.17 -0.18
CA LEU A 166 12.28 -24.21 1.23
C LEU A 166 10.78 -24.47 1.40
N ALA A 167 10.08 -24.60 0.28
CA ALA A 167 8.63 -24.76 0.28
C ALA A 167 8.17 -25.84 1.24
N GLU A 168 8.58 -27.07 0.97
CA GLU A 168 8.21 -28.21 1.79
C GLU A 168 8.53 -27.96 3.25
N ALA A 169 9.76 -27.56 3.53
CA ALA A 169 10.23 -27.34 4.90
C ALA A 169 9.34 -26.40 5.69
N VAL A 170 8.75 -25.41 5.03
CA VAL A 170 7.97 -24.41 5.74
C VAL A 170 6.47 -24.65 5.65
N GLY A 171 6.07 -25.66 4.90
CA GLY A 171 4.66 -26.04 4.81
C GLY A 171 3.92 -25.17 3.82
N ALA A 172 4.64 -24.63 2.85
CA ALA A 172 4.03 -23.74 1.86
C ALA A 172 3.76 -24.46 0.55
N ASP A 173 2.61 -24.15 -0.03
CA ASP A 173 2.16 -24.78 -1.26
C ASP A 173 2.50 -23.89 -2.45
N VAL A 174 3.54 -24.27 -3.18
CA VAL A 174 4.03 -23.42 -4.26
C VAL A 174 3.04 -23.33 -5.42
N GLU A 175 2.41 -24.45 -5.74
CA GLU A 175 1.49 -24.50 -6.88
C GLU A 175 0.22 -23.69 -6.63
N LYS A 176 -0.12 -23.49 -5.38
CA LYS A 176 -1.24 -22.61 -5.03
C LYS A 176 -0.84 -21.14 -5.19
N MET A 177 0.39 -20.81 -4.82
CA MET A 177 0.87 -19.44 -4.94
C MET A 177 0.89 -19.06 -6.43
N LYS A 178 1.41 -19.98 -7.24
CA LYS A 178 1.46 -19.77 -8.68
C LYS A 178 0.06 -19.55 -9.27
N ALA A 179 -0.88 -20.43 -8.91
CA ALA A 179 -2.25 -20.37 -9.43
C ALA A 179 -2.99 -19.10 -8.99
N ASP A 180 -2.80 -18.68 -7.75
CA ASP A 180 -3.41 -17.44 -7.27
C ASP A 180 -2.84 -16.25 -8.03
N ALA A 181 -1.56 -16.29 -8.32
CA ALA A 181 -0.88 -15.24 -9.07
C ALA A 181 -1.45 -15.08 -10.47
N LYS A 182 -1.66 -16.22 -11.12
CA LYS A 182 -2.20 -16.29 -12.48
C LYS A 182 -3.67 -15.89 -12.55
N LEU A 183 -4.45 -16.31 -11.55
CA LEU A 183 -5.84 -15.90 -11.47
C LEU A 183 -5.94 -14.38 -11.34
N ILE A 184 -5.12 -13.82 -10.46
CA ILE A 184 -5.11 -12.39 -10.19
C ILE A 184 -4.50 -11.61 -11.36
N ASN A 185 -3.50 -12.18 -12.01
CA ASN A 185 -2.76 -11.46 -13.05
C ASN A 185 -2.41 -12.37 -14.22
N PRO A 186 -3.37 -12.56 -15.13
CA PRO A 186 -3.26 -13.53 -16.23
C PRO A 186 -2.12 -13.20 -17.21
N ARG A 187 -1.75 -11.93 -17.31
CA ARG A 187 -0.74 -11.52 -18.28
C ARG A 187 0.71 -11.65 -17.79
N ALA A 188 0.91 -11.67 -16.47
CA ALA A 188 2.26 -11.68 -15.90
C ALA A 188 3.01 -12.97 -16.12
N LYS A 189 4.29 -12.86 -16.49
CA LYS A 189 5.16 -14.01 -16.44
C LYS A 189 5.32 -14.40 -14.97
N ILE A 190 5.53 -15.69 -14.72
CA ILE A 190 5.71 -16.17 -13.36
C ILE A 190 6.92 -17.08 -13.30
N ILE A 191 7.84 -16.78 -12.39
CA ILE A 191 9.03 -17.60 -12.26
C ILE A 191 9.10 -18.19 -10.86
N GLU A 192 9.35 -19.49 -10.78
CA GLU A 192 9.59 -20.14 -9.51
C GLU A 192 11.10 -20.17 -9.30
N MET A 193 11.55 -19.56 -8.22
CA MET A 193 12.99 -19.29 -8.11
C MET A 193 13.59 -19.75 -6.81
N ASP A 194 14.80 -20.28 -6.90
CA ASP A 194 15.61 -20.57 -5.74
C ASP A 194 17.07 -20.33 -6.12
N LEU A 195 17.62 -19.21 -5.69
CA LEU A 195 18.96 -18.82 -6.09
C LEU A 195 20.02 -19.85 -5.67
N LYS A 196 19.84 -20.43 -4.49
CA LYS A 196 20.75 -21.46 -4.00
C LYS A 196 20.94 -22.57 -5.02
N THR A 197 19.82 -23.12 -5.50
CA THR A 197 19.85 -24.23 -6.45
C THR A 197 19.89 -23.75 -7.90
N GLY A 198 19.82 -22.43 -8.09
CA GLY A 198 19.87 -21.84 -9.41
C GLY A 198 18.54 -21.90 -10.17
N LYS A 199 17.55 -22.52 -9.56
CA LYS A 199 16.24 -22.69 -10.20
C LYS A 199 15.63 -21.33 -10.57
N GLY A 200 15.24 -21.19 -11.84
CA GLY A 200 14.54 -20.01 -12.31
C GLY A 200 15.43 -18.84 -12.71
N PHE A 201 16.71 -18.92 -12.37
CA PHE A 201 17.62 -17.79 -12.56
C PHE A 201 17.83 -17.45 -14.03
N GLU A 202 18.11 -18.47 -14.83
CA GLU A 202 18.30 -18.27 -16.26
C GLU A 202 17.06 -17.67 -16.88
N GLU A 203 15.90 -18.13 -16.42
CA GLU A 203 14.64 -17.59 -16.89
C GLU A 203 14.59 -16.09 -16.59
N TRP A 204 15.00 -15.71 -15.37
CA TRP A 204 15.04 -14.32 -14.96
C TRP A 204 15.96 -13.51 -15.85
N ILE A 205 17.14 -14.05 -16.09
CA ILE A 205 18.14 -13.37 -16.91
C ILE A 205 17.62 -13.20 -18.33
N ASP A 206 17.04 -14.28 -18.86
CA ASP A 206 16.43 -14.25 -20.19
C ASP A 206 15.36 -13.17 -20.30
N PHE A 207 14.57 -12.99 -19.26
CA PHE A 207 13.57 -11.91 -19.25
C PHE A 207 14.24 -10.55 -19.35
N LEU A 208 15.35 -10.37 -18.63
CA LEU A 208 16.09 -9.11 -18.68
C LEU A 208 16.69 -8.86 -20.07
N ARG A 209 17.28 -9.89 -20.67
CA ARG A 209 17.83 -9.76 -22.02
C ARG A 209 16.71 -9.36 -22.99
N GLY A 210 15.55 -9.98 -22.83
CA GLY A 210 14.41 -9.64 -23.67
C GLY A 210 14.07 -8.17 -23.63
N ILE A 211 14.04 -7.58 -22.43
CA ILE A 211 13.61 -6.19 -22.29
C ILE A 211 14.68 -5.18 -22.70
N LEU A 212 15.94 -5.62 -22.73
CA LEU A 212 17.03 -4.75 -23.14
C LEU A 212 17.24 -4.79 -24.66
N ASN A 213 16.72 -5.83 -25.30
CA ASN A 213 16.86 -5.96 -26.75
C ASN A 213 15.60 -5.55 -27.51
N ASP B 9 10.37 -4.91 12.59
CA ASP B 9 9.93 -4.64 11.23
C ASP B 9 9.87 -3.14 10.95
N LEU B 10 9.49 -2.79 9.72
CA LEU B 10 9.45 -1.40 9.29
C LEU B 10 8.32 -0.60 9.96
N LEU B 11 7.36 -1.29 10.56
CA LEU B 11 6.28 -0.62 11.27
C LEU B 11 6.56 -0.53 12.76
N ALA B 12 7.72 -1.04 13.16
CA ALA B 12 8.09 -1.09 14.57
C ALA B 12 7.79 0.22 15.31
N GLU B 13 8.23 1.34 14.75
CA GLU B 13 7.98 2.63 15.39
C GLU B 13 6.51 3.02 15.37
N ASN B 14 5.81 2.70 14.28
CA ASN B 14 4.39 3.04 14.25
C ASN B 14 3.66 2.28 15.34
N LYS B 15 4.02 1.01 15.52
CA LYS B 15 3.43 0.19 16.57
C LYS B 15 3.70 0.79 17.95
N ARG B 16 4.93 1.26 18.16
CA ARG B 16 5.31 1.88 19.44
C ARG B 16 4.45 3.11 19.74
N LEU B 17 4.33 4.01 18.77
CA LEU B 17 3.51 5.21 18.98
C LEU B 17 2.03 4.86 19.06
N ALA B 18 1.62 3.79 18.39
CA ALA B 18 0.24 3.35 18.42
C ALA B 18 -0.17 2.90 19.82
N GLU B 19 0.67 2.11 20.46
CA GLU B 19 0.41 1.71 21.84
C GLU B 19 0.33 2.95 22.72
N LYS B 20 1.34 3.81 22.62
CA LYS B 20 1.34 5.05 23.38
C LYS B 20 0.06 5.83 23.15
N ASN B 21 -0.39 5.90 21.91
CA ASN B 21 -1.67 6.54 21.61
C ASN B 21 -2.83 5.83 22.28
N ARG B 22 -2.82 4.51 22.19
CA ARG B 22 -3.88 3.67 22.73
C ARG B 22 -3.97 3.80 24.25
N GLU B 23 -2.88 4.21 24.88
CA GLU B 23 -2.88 4.44 26.32
C GLU B 23 -3.51 5.79 26.67
N ALA B 24 -2.95 6.87 26.13
CA ALA B 24 -3.48 8.21 26.37
C ALA B 24 -4.98 8.28 26.15
N LEU B 25 -5.47 7.60 25.12
CA LEU B 25 -6.89 7.58 24.80
C LEU B 25 -7.68 6.92 25.92
N ARG B 26 -7.26 5.72 26.31
CA ARG B 26 -7.91 4.97 27.37
C ARG B 26 -7.97 5.75 28.68
N GLU B 27 -6.82 6.23 29.13
CA GLU B 27 -6.74 6.95 30.40
C GLU B 27 -7.51 8.26 30.41
N SER B 28 -7.81 8.78 29.22
CA SER B 28 -8.58 10.02 29.11
C SER B 28 -10.04 9.72 28.78
N GLY B 29 -10.38 8.45 28.71
CA GLY B 29 -11.74 8.02 28.40
C GLY B 29 -12.18 8.34 26.98
N THR B 30 -11.27 8.89 26.18
CA THR B 30 -11.60 9.30 24.81
C THR B 30 -11.62 8.14 23.84
N VAL B 31 -12.67 8.07 23.02
CA VAL B 31 -12.79 7.01 22.03
C VAL B 31 -12.52 7.53 20.62
N ALA B 32 -11.58 6.89 19.94
CA ALA B 32 -11.16 7.32 18.61
C ALA B 32 -11.67 6.42 17.50
N VAL B 33 -11.99 7.05 16.37
CA VAL B 33 -12.51 6.33 15.22
C VAL B 33 -11.70 6.66 13.98
N ASN B 34 -11.02 5.66 13.45
CA ASN B 34 -10.29 5.80 12.21
C ASN B 34 -11.31 5.67 11.08
N ILE B 35 -11.50 6.76 10.34
CA ILE B 35 -12.49 6.80 9.28
C ILE B 35 -11.81 6.85 7.93
N MET B 36 -11.92 5.76 7.19
CA MET B 36 -11.21 5.63 5.92
C MET B 36 -12.17 5.72 4.71
N GLY B 37 -11.62 5.95 3.53
CA GLY B 37 -12.42 6.04 2.33
C GLY B 37 -11.80 6.87 1.23
N ALA B 38 -12.24 6.64 0.00
CA ALA B 38 -11.75 7.36 -1.16
C ALA B 38 -11.89 8.88 -1.03
N ILE B 39 -11.17 9.59 -1.89
CA ILE B 39 -11.11 11.04 -1.86
C ILE B 39 -12.49 11.70 -1.92
N GLY B 40 -13.50 10.97 -2.37
CA GLY B 40 -14.85 11.50 -2.48
C GLY B 40 -15.89 10.68 -1.75
N SER B 41 -15.43 9.65 -1.05
CA SER B 41 -16.33 8.76 -0.31
C SER B 41 -17.33 9.56 0.53
N GLY B 42 -16.94 10.77 0.92
CA GLY B 42 -17.83 11.67 1.63
C GLY B 42 -17.60 11.73 3.13
N LYS B 43 -16.35 11.54 3.54
CA LYS B 43 -15.99 11.48 4.95
C LYS B 43 -16.24 12.82 5.66
N THR B 44 -15.81 13.91 5.04
CA THR B 44 -16.02 15.25 5.59
C THR B 44 -17.50 15.51 5.87
N LEU B 45 -18.34 15.23 4.88
CA LEU B 45 -19.78 15.45 5.00
C LEU B 45 -20.42 14.64 6.13
N LEU B 46 -19.96 13.41 6.31
CA LEU B 46 -20.52 12.57 7.37
C LEU B 46 -20.20 13.16 8.74
N ILE B 47 -18.98 13.71 8.85
CA ILE B 47 -18.50 14.23 10.12
C ILE B 47 -19.27 15.49 10.51
N GLU B 48 -19.39 16.42 9.57
CA GLU B 48 -20.21 17.62 9.77
C GLU B 48 -21.59 17.22 10.27
N ARG B 49 -22.33 16.46 9.46
CA ARG B 49 -23.69 16.05 9.79
C ARG B 49 -23.73 15.13 11.02
N THR B 50 -22.57 14.74 11.52
CA THR B 50 -22.49 13.96 12.74
C THR B 50 -22.44 14.94 13.92
N ILE B 51 -21.71 16.02 13.72
CA ILE B 51 -21.57 17.07 14.73
C ILE B 51 -22.87 17.86 14.85
N GLU B 52 -23.56 18.01 13.72
CA GLU B 52 -24.81 18.76 13.67
C GLU B 52 -25.92 18.03 14.42
N ARG B 53 -25.76 16.73 14.59
CA ARG B 53 -26.80 15.90 15.18
C ARG B 53 -26.58 15.63 16.66
N ILE B 54 -25.44 15.06 17.01
CA ILE B 54 -25.16 14.72 18.40
C ILE B 54 -23.98 15.51 18.94
N GLY B 55 -23.66 16.63 18.29
CA GLY B 55 -22.58 17.49 18.72
C GLY B 55 -22.97 18.41 19.87
N ASN B 56 -24.11 18.12 20.49
CA ASN B 56 -24.55 18.87 21.66
C ASN B 56 -24.63 18.02 22.92
N GLU B 57 -24.63 16.70 22.72
CA GLU B 57 -24.79 15.75 23.82
C GLU B 57 -23.44 15.22 24.28
N VAL B 58 -22.45 15.26 23.38
CA VAL B 58 -21.10 14.80 23.70
C VAL B 58 -20.06 15.66 22.98
N LYS B 59 -18.87 15.74 23.57
CA LYS B 59 -17.80 16.55 22.99
C LYS B 59 -17.04 15.78 21.92
N ILE B 60 -16.97 16.39 20.73
CA ILE B 60 -16.37 15.73 19.58
C ILE B 60 -15.13 16.48 19.12
N GLY B 61 -14.02 15.74 19.03
CA GLY B 61 -12.81 16.28 18.46
C GLY B 61 -12.66 15.71 17.06
N ALA B 62 -12.07 16.48 16.16
CA ALA B 62 -11.95 16.06 14.77
C ALA B 62 -10.57 16.34 14.20
N MET B 63 -10.00 15.33 13.56
CA MET B 63 -8.73 15.47 12.88
C MET B 63 -8.90 15.15 11.40
N LEU B 64 -8.55 16.10 10.55
CA LEU B 64 -8.74 15.95 9.10
C LEU B 64 -7.47 15.50 8.40
N GLY B 65 -7.48 14.26 7.91
CA GLY B 65 -6.37 13.75 7.12
C GLY B 65 -6.49 14.21 5.68
N ASP B 66 -7.72 14.50 5.28
CA ASP B 66 -7.99 15.10 3.97
C ASP B 66 -7.99 16.62 4.09
N ALA B 83 -11.14 20.40 16.85
CA ALA B 83 -11.09 20.14 15.41
C ALA B 83 -9.89 20.82 14.74
N GLU B 84 -9.05 20.03 14.08
CA GLU B 84 -7.88 20.56 13.40
C GLU B 84 -7.39 19.68 12.23
N ALA B 85 -6.72 20.31 11.28
CA ALA B 85 -6.22 19.62 10.10
C ALA B 85 -4.88 18.96 10.40
N ILE B 86 -4.72 17.72 9.93
CA ILE B 86 -3.45 17.02 10.06
C ILE B 86 -2.65 17.15 8.76
N SER B 87 -1.40 17.57 8.88
CA SER B 87 -0.51 17.61 7.74
C SER B 87 0.21 16.27 7.62
N THR B 88 -0.10 15.53 6.56
CA THR B 88 0.48 14.20 6.36
C THR B 88 1.82 14.31 5.65
N GLY B 89 2.18 15.53 5.26
CA GLY B 89 3.44 15.78 4.59
C GLY B 89 3.54 15.02 3.27
N LYS B 90 4.54 14.16 3.19
CA LYS B 90 4.77 13.38 1.98
C LYS B 90 4.14 11.98 2.02
N GLU B 91 3.41 11.68 3.10
CA GLU B 91 2.84 10.33 3.27
C GLU B 91 1.45 10.20 2.63
N CYS B 92 1.05 8.96 2.35
CA CYS B 92 -0.26 8.68 1.73
C CYS B 92 -1.27 8.13 2.73
N HIS B 93 -1.02 8.36 4.01
CA HIS B 93 -1.87 7.83 5.07
C HIS B 93 -1.53 8.62 6.34
N LEU B 94 -2.39 8.49 7.35
CA LEU B 94 -2.03 9.00 8.66
C LEU B 94 -1.18 7.94 9.35
N ASP B 95 -0.27 8.37 10.21
CA ASP B 95 0.44 7.43 11.08
C ASP B 95 0.30 7.84 12.55
N ALA B 96 0.57 6.91 13.45
CA ALA B 96 0.41 7.12 14.88
C ALA B 96 1.12 8.39 15.38
N HIS B 97 2.22 8.75 14.72
CA HIS B 97 3.01 9.91 15.11
C HIS B 97 2.28 11.24 14.91
N MET B 98 1.53 11.35 13.82
CA MET B 98 0.74 12.55 13.56
C MET B 98 -0.34 12.72 14.64
N ILE B 99 -0.93 11.62 15.06
CA ILE B 99 -1.94 11.64 16.09
C ILE B 99 -1.30 12.03 17.42
N TYR B 100 -0.18 11.37 17.73
CA TYR B 100 0.45 11.51 19.02
C TYR B 100 0.71 12.97 19.40
N HIS B 101 1.24 13.76 18.47
CA HIS B 101 1.55 15.15 18.76
C HIS B 101 0.34 15.92 19.28
N ARG B 102 -0.82 15.68 18.66
CA ARG B 102 -2.00 16.50 18.89
C ARG B 102 -3.01 15.88 19.85
N LEU B 103 -2.67 14.73 20.41
CA LEU B 103 -3.63 14.00 21.25
C LEU B 103 -4.01 14.75 22.53
N LYS B 104 -3.03 15.42 23.14
CA LYS B 104 -3.26 16.20 24.36
C LYS B 104 -4.43 17.17 24.25
N LYS B 105 -4.51 17.86 23.12
CA LYS B 105 -5.58 18.81 22.86
C LYS B 105 -6.97 18.19 23.03
N PHE B 106 -7.08 16.89 22.73
CA PHE B 106 -8.38 16.22 22.72
C PHE B 106 -8.59 15.30 23.92
N SER B 107 -7.76 15.45 24.94
CA SER B 107 -7.87 14.60 26.13
C SER B 107 -9.20 14.81 26.85
N ASP B 108 -9.86 15.93 26.56
CA ASP B 108 -11.15 16.24 27.19
C ASP B 108 -12.29 16.10 26.19
N CYS B 109 -12.14 15.18 25.25
CA CYS B 109 -13.17 14.89 24.25
C CYS B 109 -13.77 13.51 24.51
N ASP B 110 -15.08 13.39 24.31
CA ASP B 110 -15.78 12.11 24.44
C ASP B 110 -15.43 11.24 23.25
N LEU B 111 -15.65 11.80 22.07
CA LEU B 111 -15.42 11.12 20.82
C LEU B 111 -14.37 11.87 20.02
N LEU B 112 -13.49 11.11 19.39
CA LEU B 112 -12.54 11.69 18.46
C LEU B 112 -12.77 11.06 17.10
N LEU B 113 -12.94 11.91 16.09
CA LEU B 113 -13.22 11.44 14.75
C LEU B 113 -12.02 11.72 13.87
N ILE B 114 -11.36 10.65 13.44
CA ILE B 114 -10.18 10.81 12.63
C ILE B 114 -10.48 10.52 11.17
N GLU B 115 -10.33 11.53 10.33
CA GLU B 115 -10.57 11.37 8.91
C GLU B 115 -9.24 11.05 8.22
N ASN B 116 -9.09 9.81 7.78
CA ASN B 116 -7.85 9.41 7.13
C ASN B 116 -7.76 10.01 5.73
N VAL B 117 -6.63 9.83 5.07
CA VAL B 117 -6.45 10.32 3.72
C VAL B 117 -7.47 9.70 2.77
N GLY B 118 -7.69 10.34 1.63
CA GLY B 118 -8.61 9.83 0.63
C GLY B 118 -7.91 8.78 -0.20
N ASN B 119 -7.93 7.54 0.28
CA ASN B 119 -7.01 6.52 -0.18
C ASN B 119 -7.39 5.16 0.38
N LEU B 120 -7.56 4.16 -0.48
CA LEU B 120 -8.02 2.84 -0.06
C LEU B 120 -6.91 1.80 0.12
N ILE B 121 -5.67 2.28 0.15
CA ILE B 121 -4.53 1.36 0.13
C ILE B 121 -3.55 1.56 1.30
N CYS B 122 -2.87 2.71 1.32
CA CYS B 122 -1.84 3.00 2.33
C CYS B 122 -2.23 2.79 3.81
N PRO B 123 -3.43 3.25 4.21
CA PRO B 123 -3.82 3.22 5.63
C PRO B 123 -3.93 1.81 6.22
N VAL B 124 -3.95 0.80 5.35
CA VAL B 124 -4.16 -0.58 5.78
C VAL B 124 -3.23 -1.04 6.90
N ASP B 125 -1.94 -0.74 6.76
CA ASP B 125 -0.93 -1.25 7.70
C ASP B 125 -0.82 -0.44 8.98
N PHE B 126 -1.34 0.78 8.96
CA PHE B 126 -1.03 1.74 10.02
C PHE B 126 -2.04 1.85 11.16
N ASP B 127 -1.77 1.16 12.25
CA ASP B 127 -2.49 1.37 13.49
C ASP B 127 -2.22 2.77 14.01
N LEU B 128 -3.28 3.50 14.34
CA LEU B 128 -3.14 4.84 14.90
C LEU B 128 -3.32 4.81 16.40
N GLY B 129 -3.63 3.63 16.93
CA GLY B 129 -3.98 3.48 18.33
C GLY B 129 -5.47 3.56 18.57
N GLU B 130 -6.24 3.58 17.49
CA GLU B 130 -7.70 3.81 17.55
C GLU B 130 -8.49 2.64 18.14
N ASN B 131 -9.74 2.92 18.46
CA ASN B 131 -10.67 1.93 18.99
C ASN B 131 -11.46 1.23 17.87
N TYR B 132 -11.84 2.01 16.87
CA TYR B 132 -12.69 1.49 15.81
C TYR B 132 -12.25 1.95 14.43
N ARG B 133 -12.49 1.09 13.44
CA ARG B 133 -12.15 1.38 12.05
C ARG B 133 -13.41 1.39 11.20
N VAL B 134 -13.59 2.45 10.45
CA VAL B 134 -14.68 2.55 9.50
C VAL B 134 -14.14 2.84 8.10
N VAL B 135 -14.73 2.19 7.11
CA VAL B 135 -14.39 2.46 5.73
C VAL B 135 -15.65 2.89 5.01
N MET B 136 -15.62 4.09 4.42
CA MET B 136 -16.75 4.60 3.67
C MET B 136 -16.49 4.41 2.20
N VAL B 137 -17.51 4.00 1.46
CA VAL B 137 -17.38 3.88 0.02
C VAL B 137 -18.64 4.36 -0.70
N SER B 138 -18.47 5.34 -1.59
CA SER B 138 -19.57 5.83 -2.40
C SER B 138 -19.92 4.79 -3.46
N VAL B 139 -21.19 4.75 -3.84
CA VAL B 139 -21.63 3.88 -4.94
C VAL B 139 -21.13 4.47 -6.25
N THR B 140 -20.61 5.69 -6.19
CA THR B 140 -20.11 6.37 -7.37
C THR B 140 -18.65 6.01 -7.63
N GLU B 141 -18.18 4.95 -6.96
CA GLU B 141 -16.80 4.50 -7.10
C GLU B 141 -16.74 3.17 -7.82
N GLY B 142 -17.90 2.63 -8.20
CA GLY B 142 -17.98 1.33 -8.84
C GLY B 142 -18.43 0.26 -7.87
N ASP B 143 -19.17 -0.72 -8.39
CA ASP B 143 -19.70 -1.78 -7.54
C ASP B 143 -18.71 -2.91 -7.29
N ASP B 144 -17.51 -2.76 -7.85
CA ASP B 144 -16.43 -3.72 -7.62
C ASP B 144 -15.30 -3.10 -6.82
N VAL B 145 -15.51 -1.87 -6.35
CA VAL B 145 -14.50 -1.21 -5.52
C VAL B 145 -14.18 -2.05 -4.29
N VAL B 146 -15.20 -2.69 -3.74
CA VAL B 146 -15.01 -3.54 -2.58
C VAL B 146 -14.06 -4.70 -2.86
N GLU B 147 -14.29 -5.39 -3.97
CA GLU B 147 -13.52 -6.60 -4.30
C GLU B 147 -12.10 -6.29 -4.76
N LYS B 148 -11.90 -5.08 -5.28
CA LYS B 148 -10.59 -4.62 -5.70
C LYS B 148 -9.71 -4.24 -4.51
N HIS B 149 -10.33 -3.99 -3.36
CA HIS B 149 -9.60 -3.50 -2.19
C HIS B 149 -9.90 -4.30 -0.94
N PRO B 150 -9.69 -5.61 -0.98
CA PRO B 150 -9.97 -6.48 0.17
C PRO B 150 -9.17 -6.11 1.42
N GLU B 151 -7.93 -5.72 1.25
CA GLU B 151 -7.05 -5.48 2.40
C GLU B 151 -7.63 -4.45 3.37
N ILE B 152 -8.08 -3.33 2.85
CA ILE B 152 -8.61 -2.29 3.72
C ILE B 152 -10.01 -2.65 4.26
N PHE B 153 -10.85 -3.22 3.42
CA PHE B 153 -12.20 -3.60 3.84
C PHE B 153 -12.16 -4.72 4.87
N ARG B 154 -11.00 -5.34 5.00
CA ARG B 154 -10.81 -6.46 5.92
C ARG B 154 -10.50 -5.96 7.34
N VAL B 155 -10.03 -4.73 7.47
CA VAL B 155 -9.73 -4.19 8.80
C VAL B 155 -10.90 -3.39 9.38
N ALA B 156 -11.94 -3.16 8.58
CA ALA B 156 -13.07 -2.36 9.01
C ALA B 156 -13.86 -3.06 10.11
N ASP B 157 -14.39 -2.27 11.04
CA ASP B 157 -15.34 -2.77 12.02
C ASP B 157 -16.72 -2.50 11.47
N LEU B 158 -16.79 -1.44 10.66
CA LEU B 158 -18.03 -1.04 10.02
C LEU B 158 -17.74 -0.52 8.63
N ILE B 159 -18.60 -0.88 7.68
CA ILE B 159 -18.46 -0.44 6.31
C ILE B 159 -19.69 0.36 5.92
N VAL B 160 -19.47 1.55 5.38
CA VAL B 160 -20.58 2.42 5.00
C VAL B 160 -20.67 2.60 3.50
N ILE B 161 -21.67 1.99 2.88
CA ILE B 161 -21.96 2.27 1.50
C ILE B 161 -22.85 3.52 1.44
N ASN B 162 -22.34 4.56 0.82
CA ASN B 162 -22.92 5.90 0.88
C ASN B 162 -23.42 6.37 -0.49
N LYS B 163 -24.32 7.35 -0.48
CA LYS B 163 -24.90 7.89 -1.70
C LYS B 163 -25.69 6.83 -2.48
N VAL B 164 -26.28 5.90 -1.75
CA VAL B 164 -27.01 4.78 -2.37
C VAL B 164 -28.10 5.23 -3.33
N ALA B 165 -28.71 6.37 -3.03
CA ALA B 165 -29.82 6.87 -3.85
C ALA B 165 -29.36 7.21 -5.26
N LEU B 166 -28.06 7.19 -5.48
CA LEU B 166 -27.51 7.49 -6.80
C LEU B 166 -27.07 6.21 -7.50
N ALA B 167 -27.25 5.08 -6.82
CA ALA B 167 -26.85 3.78 -7.35
C ALA B 167 -27.46 3.53 -8.73
N GLU B 168 -28.76 3.74 -8.84
CA GLU B 168 -29.47 3.46 -10.08
C GLU B 168 -29.09 4.46 -11.18
N ALA B 169 -29.00 5.73 -10.81
CA ALA B 169 -28.67 6.78 -11.77
C ALA B 169 -27.22 6.70 -12.24
N VAL B 170 -26.44 5.80 -11.66
CA VAL B 170 -25.04 5.64 -12.05
C VAL B 170 -24.78 4.20 -12.52
N GLY B 171 -25.76 3.33 -12.31
CA GLY B 171 -25.66 1.96 -12.74
C GLY B 171 -24.76 1.12 -11.84
N ALA B 172 -24.92 1.28 -10.54
CA ALA B 172 -24.11 0.53 -9.58
C ALA B 172 -24.95 -0.47 -8.80
N ASP B 173 -24.57 -1.74 -8.88
CA ASP B 173 -25.27 -2.80 -8.17
C ASP B 173 -24.91 -2.79 -6.69
N VAL B 174 -25.75 -2.16 -5.88
CA VAL B 174 -25.52 -2.03 -4.45
C VAL B 174 -25.50 -3.39 -3.75
N GLU B 175 -26.35 -4.31 -4.20
CA GLU B 175 -26.41 -5.64 -3.62
C GLU B 175 -25.09 -6.36 -3.80
N LYS B 176 -24.44 -6.09 -4.93
CA LYS B 176 -23.14 -6.65 -5.24
C LYS B 176 -22.10 -6.17 -4.21
N MET B 177 -22.11 -4.87 -3.95
CA MET B 177 -21.15 -4.26 -3.02
C MET B 177 -21.25 -4.92 -1.66
N LYS B 178 -22.47 -5.13 -1.19
CA LYS B 178 -22.71 -5.75 0.10
C LYS B 178 -22.18 -7.17 0.17
N ALA B 179 -22.52 -7.95 -0.85
CA ALA B 179 -22.12 -9.35 -0.88
C ALA B 179 -20.60 -9.43 -0.84
N ASP B 180 -19.96 -8.58 -1.62
CA ASP B 180 -18.50 -8.52 -1.65
C ASP B 180 -17.94 -8.20 -0.27
N ALA B 181 -18.59 -7.25 0.42
CA ALA B 181 -18.16 -6.87 1.76
C ALA B 181 -18.38 -8.00 2.75
N LYS B 182 -19.53 -8.67 2.66
CA LYS B 182 -19.83 -9.76 3.59
C LYS B 182 -18.90 -10.95 3.36
N LEU B 183 -18.57 -11.21 2.10
CA LEU B 183 -17.63 -12.27 1.77
C LEU B 183 -16.29 -11.98 2.42
N ILE B 184 -15.78 -10.77 2.20
CA ILE B 184 -14.47 -10.37 2.70
C ILE B 184 -14.45 -10.17 4.22
N ASN B 185 -15.52 -9.58 4.76
CA ASN B 185 -15.56 -9.22 6.17
C ASN B 185 -16.91 -9.52 6.83
N PRO B 186 -17.12 -10.79 7.21
CA PRO B 186 -18.37 -11.28 7.80
C PRO B 186 -18.78 -10.51 9.06
N ARG B 187 -17.86 -10.36 10.02
CA ARG B 187 -18.19 -9.74 11.30
C ARG B 187 -18.45 -8.24 11.23
N ALA B 188 -17.98 -7.58 10.18
CA ALA B 188 -18.17 -6.14 10.07
C ALA B 188 -19.64 -5.80 9.97
N LYS B 189 -20.02 -4.66 10.54
CA LYS B 189 -21.37 -4.15 10.36
C LYS B 189 -21.44 -3.36 9.06
N ILE B 190 -22.60 -3.42 8.40
CA ILE B 190 -22.77 -2.71 7.14
C ILE B 190 -23.98 -1.78 7.21
N ILE B 191 -23.83 -0.60 6.63
CA ILE B 191 -24.91 0.37 6.60
C ILE B 191 -25.05 0.93 5.20
N GLU B 192 -26.28 1.04 4.73
CA GLU B 192 -26.54 1.71 3.47
C GLU B 192 -26.93 3.15 3.79
N MET B 193 -26.22 4.10 3.21
CA MET B 193 -26.35 5.49 3.61
C MET B 193 -26.49 6.46 2.44
N ASP B 194 -27.35 7.46 2.64
CA ASP B 194 -27.46 8.57 1.72
C ASP B 194 -27.87 9.79 2.53
N LEU B 195 -27.07 10.84 2.47
CA LEU B 195 -27.30 12.02 3.29
C LEU B 195 -28.33 12.98 2.68
N LYS B 196 -28.54 12.88 1.37
CA LYS B 196 -29.55 13.66 0.69
C LYS B 196 -30.95 13.23 1.14
N THR B 197 -31.01 12.09 1.80
CA THR B 197 -32.27 11.51 2.26
C THR B 197 -32.16 11.04 3.70
N GLY B 198 -31.03 11.36 4.33
CA GLY B 198 -30.78 10.89 5.68
C GLY B 198 -30.98 9.39 5.79
N LYS B 199 -30.73 8.69 4.69
CA LYS B 199 -30.90 7.23 4.64
C LYS B 199 -29.72 6.53 5.31
N GLY B 200 -30.01 5.73 6.32
CA GLY B 200 -28.98 5.01 7.05
C GLY B 200 -28.21 5.91 8.00
N PHE B 201 -28.37 7.22 7.85
CA PHE B 201 -27.67 8.16 8.72
C PHE B 201 -28.02 8.00 10.19
N GLU B 202 -29.15 7.34 10.47
CA GLU B 202 -29.61 7.18 11.85
C GLU B 202 -28.97 5.99 12.54
N GLU B 203 -28.86 4.87 11.82
CA GLU B 203 -28.19 3.69 12.37
C GLU B 203 -26.69 3.94 12.53
N TRP B 204 -26.17 4.91 11.79
CA TRP B 204 -24.80 5.37 11.98
C TRP B 204 -24.65 5.98 13.37
N ILE B 205 -25.68 6.72 13.78
CA ILE B 205 -25.75 7.25 15.14
C ILE B 205 -25.91 6.11 16.15
N ASP B 206 -26.83 5.20 15.88
CA ASP B 206 -27.05 4.06 16.75
C ASP B 206 -25.71 3.39 17.05
N PHE B 207 -24.87 3.33 16.02
CA PHE B 207 -23.55 2.75 16.14
C PHE B 207 -22.67 3.58 17.08
N LEU B 208 -22.41 4.83 16.70
CA LEU B 208 -21.64 5.73 17.53
C LEU B 208 -22.13 5.62 18.97
N ARG B 209 -23.42 5.89 19.17
CA ARG B 209 -24.06 5.82 20.48
C ARG B 209 -23.51 4.67 21.33
N GLY B 210 -23.57 3.46 20.79
CA GLY B 210 -23.07 2.30 21.50
C GLY B 210 -21.60 2.41 21.86
N ILE B 211 -20.84 3.09 21.18
CL CL C . 3.79 7.10 2.79
#